data_7K28
#
_entry.id   7K28
#
_cell.length_a   162.008
_cell.length_b   68.615
_cell.length_c   77.350
_cell.angle_alpha   90.000
_cell.angle_beta   117.900
_cell.angle_gamma   90.000
#
_symmetry.space_group_name_H-M   'C 1 2 1'
#
loop_
_entity.id
_entity.type
_entity.pdbx_description
1 polymer 'Kelch-like ECH-associated protein 1'
2 polymer 'Nrf2 peptide,ADEETGEFL'
#
loop_
_entity_poly.entity_id
_entity_poly.type
_entity_poly.pdbx_seq_one_letter_code
_entity_poly.pdbx_strand_id
1 'polypeptide(L)'
;GRLIYTAGGYFRQSLSYLEAYNPSDGTWLRLADLQVPRSGLAGCVVGGLLYAVGGRNNSPDGNTDSSALDCYNPMTNQWS
PCAPMSVPRNRIGVGVIDGHIYAVGGSHGCIHHNSVERYEPERDEWHLVAPMLTRRIGVGVAVLNRLLYAVGGFDGTNRL
NSAECYYPERNEWRMITAMNTIRSGAGVCVLHNCIYAAGGYDGQDQLNSVERYDVATATWTFVAPMKHRRSALGITVHQG
RIYVLGGYDGHTFLDSVECYDPDTDTWSEVTRMTSGRSGVGVAVTMEPSR
;
A,B
2 'polypeptide(L)' (ACE)ADEETGEFL(NH2) P
#
# COMPACT_ATOMS: atom_id res chain seq x y z
N ARG A 2 15.87 1.02 17.86
CA ARG A 2 16.19 0.36 16.59
C ARG A 2 17.57 0.74 16.07
N LEU A 3 18.24 -0.24 15.44
CA LEU A 3 19.59 -0.09 14.94
C LEU A 3 19.63 -0.43 13.46
N ILE A 4 20.65 0.12 12.80
CA ILE A 4 20.97 -0.11 11.39
C ILE A 4 22.01 -1.23 11.32
N TYR A 5 21.58 -2.43 10.91
CA TYR A 5 22.46 -3.59 10.81
C TYR A 5 23.05 -3.69 9.40
N THR A 6 24.36 -3.89 9.32
CA THR A 6 25.08 -4.22 8.10
C THR A 6 25.71 -5.59 8.24
N ALA A 7 25.42 -6.48 7.28
CA ALA A 7 25.89 -7.85 7.27
C ALA A 7 26.66 -8.15 6.00
N GLY A 8 27.81 -8.78 6.16
CA GLY A 8 28.63 -9.21 5.03
C GLY A 8 29.34 -8.04 4.37
N GLY A 9 29.55 -8.15 3.07
CA GLY A 9 30.27 -7.15 2.32
C GLY A 9 31.57 -7.69 1.74
N TYR A 10 32.32 -6.81 1.09
CA TYR A 10 33.57 -7.22 0.45
C TYR A 10 34.64 -6.14 0.41
N PHE A 11 35.71 -6.36 1.18
CA PHE A 11 36.85 -5.47 1.22
C PHE A 11 38.04 -6.31 0.80
N ARG A 12 38.09 -6.59 -0.51
CA ARG A 12 39.09 -7.43 -1.22
C ARG A 12 38.96 -8.94 -0.98
N GLN A 13 37.85 -9.33 -0.34
CA GLN A 13 37.46 -10.69 0.03
C GLN A 13 36.10 -10.56 0.70
N SER A 14 35.27 -11.59 0.63
CA SER A 14 33.96 -11.50 1.26
C SER A 14 34.10 -11.53 2.78
N LEU A 15 33.14 -10.92 3.46
CA LEU A 15 33.24 -10.62 4.87
C LEU A 15 32.13 -11.31 5.66
N SER A 16 32.40 -11.53 6.94
CA SER A 16 31.44 -12.17 7.84
C SER A 16 30.83 -11.19 8.83
N TYR A 17 31.21 -9.92 8.78
CA TYR A 17 30.82 -8.94 9.80
C TYR A 17 29.30 -8.78 9.87
N LEU A 18 28.78 -8.77 11.10
CA LEU A 18 27.47 -8.23 11.38
C LEU A 18 27.67 -7.13 12.41
N GLU A 19 27.40 -5.89 12.01
CA GLU A 19 27.59 -4.74 12.88
C GLU A 19 26.32 -3.90 12.88
N ALA A 20 26.03 -3.29 14.02
CA ALA A 20 24.81 -2.50 14.17
C ALA A 20 25.16 -1.09 14.61
N TYR A 21 24.66 -0.12 13.86
CA TYR A 21 24.89 1.28 14.11
C TYR A 21 23.70 1.88 14.86
N ASN A 22 24.03 2.76 15.79
CA ASN A 22 23.06 3.45 16.64
C ASN A 22 23.19 4.91 16.26
N PRO A 23 22.27 5.44 15.45
CA PRO A 23 22.38 6.84 15.02
C PRO A 23 22.38 7.83 16.18
N SER A 24 21.92 7.40 17.36
CA SER A 24 21.84 8.30 18.51
C SER A 24 23.20 8.47 19.21
N ASP A 25 23.82 7.38 19.66
CA ASP A 25 25.09 7.49 20.37
C ASP A 25 26.29 7.28 19.44
N GLY A 26 26.04 7.06 18.16
CA GLY A 26 27.08 6.90 17.15
C GLY A 26 27.87 5.63 17.24
N THR A 27 27.44 4.67 18.04
CA THR A 27 28.18 3.45 18.33
C THR A 27 27.99 2.39 17.24
N TRP A 28 29.03 1.56 17.06
CA TRP A 28 28.96 0.39 16.19
C TRP A 28 29.09 -0.84 17.06
N LEU A 29 28.08 -1.70 17.03
CA LEU A 29 28.02 -2.89 17.86
C LEU A 29 28.48 -4.07 17.02
N ARG A 30 29.41 -4.87 17.54
CA ARG A 30 29.89 -6.05 16.84
C ARG A 30 29.09 -7.24 17.33
N LEU A 31 28.33 -7.85 16.43
CA LEU A 31 27.45 -8.96 16.74
C LEU A 31 27.99 -10.25 16.14
N ALA A 32 27.14 -11.27 16.10
CA ALA A 32 27.56 -12.60 15.67
C ALA A 32 27.93 -12.59 14.19
N ASP A 33 29.09 -13.17 13.87
CA ASP A 33 29.51 -13.32 12.49
C ASP A 33 28.47 -14.10 11.69
N LEU A 34 28.38 -13.79 10.40
CA LEU A 34 27.69 -14.69 9.49
C LEU A 34 28.34 -16.07 9.53
N GLN A 35 27.53 -17.10 9.30
CA GLN A 35 28.07 -18.44 9.23
C GLN A 35 29.07 -18.58 8.09
N VAL A 36 28.80 -17.91 6.98
CA VAL A 36 29.66 -17.94 5.79
C VAL A 36 29.93 -16.50 5.36
N PRO A 37 31.16 -16.12 5.04
CA PRO A 37 31.39 -14.77 4.49
C PRO A 37 30.63 -14.62 3.17
N ARG A 38 30.00 -13.46 3.00
CA ARG A 38 29.26 -13.20 1.77
C ARG A 38 29.28 -11.72 1.44
N SER A 39 29.35 -11.43 0.14
CA SER A 39 29.20 -10.10 -0.42
C SER A 39 28.18 -10.15 -1.54
N GLY A 40 27.65 -8.98 -1.89
CA GLY A 40 26.56 -8.95 -2.85
C GLY A 40 25.26 -9.51 -2.34
N LEU A 41 25.13 -9.66 -1.03
CA LEU A 41 23.90 -10.17 -0.43
C LEU A 41 22.93 -9.02 -0.23
N ALA A 42 21.71 -9.37 0.15
CA ALA A 42 20.74 -8.36 0.55
C ALA A 42 20.23 -8.67 1.95
N GLY A 43 19.81 -7.62 2.65
CA GLY A 43 19.26 -7.76 3.98
C GLY A 43 17.83 -7.25 4.05
N CYS A 44 17.05 -7.86 4.92
CA CYS A 44 15.67 -7.42 5.11
C CYS A 44 15.24 -7.87 6.49
N VAL A 45 14.09 -7.40 6.93
CA VAL A 45 13.57 -7.71 8.26
C VAL A 45 12.12 -8.16 8.15
N VAL A 46 11.82 -9.33 8.72
CA VAL A 46 10.44 -9.80 8.84
C VAL A 46 10.21 -10.25 10.28
N GLY A 47 9.05 -9.92 10.82
CA GLY A 47 8.90 -9.98 12.26
C GLY A 47 9.88 -8.98 12.84
N GLY A 48 10.73 -9.44 13.76
CA GLY A 48 11.86 -8.64 14.19
C GLY A 48 13.17 -9.29 13.78
N LEU A 49 13.08 -10.23 12.84
CA LEU A 49 14.19 -11.08 12.46
C LEU A 49 14.91 -10.51 11.23
N LEU A 50 16.24 -10.46 11.30
CA LEU A 50 17.07 -9.93 10.22
C LEU A 50 17.49 -11.07 9.30
N TYR A 51 17.12 -10.99 8.02
CA TYR A 51 17.44 -12.02 7.05
C TYR A 51 18.55 -11.54 6.13
N ALA A 52 19.54 -12.42 5.91
CA ALA A 52 20.58 -12.24 4.92
C ALA A 52 20.32 -13.21 3.77
N VAL A 53 20.26 -12.67 2.54
CA VAL A 53 19.79 -13.40 1.37
C VAL A 53 20.85 -13.34 0.27
N GLY A 54 21.26 -14.52 -0.20
CA GLY A 54 22.08 -14.64 -1.39
C GLY A 54 23.50 -14.13 -1.21
N GLY A 55 24.05 -13.59 -2.29
CA GLY A 55 25.40 -13.08 -2.30
C GLY A 55 26.42 -14.06 -2.87
N ARG A 56 27.65 -13.98 -2.40
CA ARG A 56 28.71 -14.86 -2.89
C ARG A 56 29.83 -14.89 -1.86
N ASN A 57 30.46 -16.06 -1.72
CA ASN A 57 31.62 -16.26 -0.86
C ASN A 57 32.84 -16.21 -1.75
N ASN A 58 33.55 -15.07 -1.70
CA ASN A 58 34.80 -14.86 -2.40
C ASN A 58 35.91 -14.99 -1.36
N SER A 59 36.59 -16.13 -1.35
CA SER A 59 37.55 -16.47 -0.31
C SER A 59 38.87 -16.83 -0.96
N PRO A 60 39.98 -16.74 -0.21
CA PRO A 60 41.30 -17.05 -0.80
C PRO A 60 41.40 -18.44 -1.42
N ASP A 61 40.43 -19.33 -1.18
CA ASP A 61 40.49 -20.67 -1.74
C ASP A 61 39.22 -21.04 -2.51
N GLY A 62 38.38 -20.06 -2.85
CA GLY A 62 37.18 -20.40 -3.61
C GLY A 62 36.36 -19.17 -3.93
N ASN A 63 35.31 -19.37 -4.72
CA ASN A 63 34.46 -18.28 -5.21
C ASN A 63 33.07 -18.76 -5.60
N THR A 64 32.23 -19.07 -4.61
CA THR A 64 30.93 -19.69 -4.85
C THR A 64 29.79 -18.70 -4.61
N ASP A 65 28.95 -18.49 -5.62
CA ASP A 65 27.69 -17.75 -5.40
C ASP A 65 26.80 -18.53 -4.44
N SER A 66 25.99 -17.80 -3.66
CA SER A 66 25.23 -18.41 -2.56
C SER A 66 23.73 -18.31 -2.82
N SER A 67 23.05 -19.45 -2.68
CA SER A 67 21.59 -19.53 -2.64
C SER A 67 21.02 -19.33 -1.24
N ALA A 68 21.86 -19.06 -0.24
CA ALA A 68 21.48 -19.27 1.15
C ALA A 68 20.57 -18.16 1.67
N LEU A 69 19.73 -18.53 2.63
CA LEU A 69 18.94 -17.60 3.44
C LEU A 69 19.27 -17.86 4.89
N ASP A 70 19.63 -16.81 5.62
CA ASP A 70 20.01 -16.97 7.02
C ASP A 70 19.30 -15.91 7.86
N CYS A 71 18.95 -16.26 9.09
CA CYS A 71 18.11 -15.46 9.96
C CYS A 71 18.83 -15.16 11.26
N TYR A 72 18.91 -13.88 11.60
CA TYR A 72 19.54 -13.39 12.82
C TYR A 72 18.48 -12.89 13.80
N ASN A 73 18.58 -13.37 15.04
CA ASN A 73 17.66 -12.95 16.10
C ASN A 73 18.38 -11.99 17.03
N PRO A 74 18.01 -10.71 17.08
CA PRO A 74 18.66 -9.80 18.03
C PRO A 74 18.44 -10.17 19.49
N MET A 75 17.42 -11.00 19.78
CA MET A 75 17.14 -11.36 21.16
C MET A 75 18.07 -12.46 21.68
N THR A 76 18.64 -13.26 20.79
CA THR A 76 19.59 -14.29 21.15
C THR A 76 21.00 -13.99 20.67
N ASN A 77 21.17 -13.04 19.74
CA ASN A 77 22.44 -12.78 19.07
C ASN A 77 22.95 -14.05 18.39
N GLN A 78 22.05 -14.77 17.74
CA GLN A 78 22.42 -15.97 17.00
C GLN A 78 21.82 -15.97 15.60
N TRP A 79 22.61 -16.55 14.68
CA TRP A 79 22.18 -16.87 13.33
C TRP A 79 21.66 -18.29 13.27
N SER A 80 20.68 -18.51 12.39
CA SER A 80 20.11 -19.81 12.14
C SER A 80 19.81 -19.90 10.64
N PRO A 81 20.12 -21.02 10.01
CA PRO A 81 19.84 -21.14 8.58
C PRO A 81 18.36 -21.34 8.31
N CYS A 82 17.93 -20.91 7.12
CA CYS A 82 16.61 -21.18 6.60
C CYS A 82 16.75 -22.02 5.35
N ALA A 83 15.61 -22.40 4.77
CA ALA A 83 15.65 -23.10 3.50
C ALA A 83 16.29 -22.21 2.44
N PRO A 84 17.10 -22.75 1.55
CA PRO A 84 17.74 -21.92 0.54
C PRO A 84 16.85 -21.65 -0.67
N MET A 85 17.22 -20.62 -1.42
CA MET A 85 16.54 -20.31 -2.67
C MET A 85 16.83 -21.41 -3.69
N SER A 86 16.05 -21.40 -4.77
CA SER A 86 16.19 -22.45 -5.77
C SER A 86 17.49 -22.33 -6.54
N VAL A 87 18.06 -21.12 -6.60
CA VAL A 87 19.33 -20.92 -7.32
C VAL A 87 20.17 -19.92 -6.55
N PRO A 88 21.49 -19.99 -6.71
CA PRO A 88 22.35 -18.93 -6.16
C PRO A 88 22.05 -17.60 -6.83
N ARG A 89 22.21 -16.51 -6.07
CA ARG A 89 21.86 -15.16 -6.52
C ARG A 89 22.88 -14.19 -5.95
N ASN A 90 23.95 -13.94 -6.70
CA ASN A 90 24.90 -12.90 -6.32
C ASN A 90 24.45 -11.55 -6.85
N ARG A 91 24.69 -10.51 -6.06
CA ARG A 91 24.21 -9.16 -6.38
C ARG A 91 22.68 -9.16 -6.55
N ILE A 92 22.02 -9.73 -5.54
CA ILE A 92 20.58 -9.94 -5.50
C ILE A 92 19.88 -8.65 -5.09
N GLY A 93 18.58 -8.59 -5.35
CA GLY A 93 17.72 -7.60 -4.74
C GLY A 93 16.60 -8.32 -4.01
N VAL A 94 16.09 -7.69 -2.95
CA VAL A 94 15.01 -8.29 -2.17
C VAL A 94 14.04 -7.22 -1.70
N GLY A 95 12.78 -7.63 -1.58
CA GLY A 95 11.76 -6.77 -1.00
C GLY A 95 10.84 -7.60 -0.14
N VAL A 96 10.08 -6.92 0.71
CA VAL A 96 9.17 -7.59 1.64
C VAL A 96 7.75 -7.13 1.36
N ILE A 97 6.84 -8.09 1.22
CA ILE A 97 5.42 -7.80 1.01
C ILE A 97 4.62 -8.80 1.82
N ASP A 98 3.77 -8.30 2.72
CA ASP A 98 2.89 -9.14 3.53
C ASP A 98 3.67 -10.23 4.27
N GLY A 99 4.82 -9.83 4.83
CA GLY A 99 5.65 -10.77 5.55
C GLY A 99 6.32 -11.83 4.72
N HIS A 100 6.32 -11.68 3.40
CA HIS A 100 7.01 -12.60 2.49
C HIS A 100 8.20 -11.91 1.84
N ILE A 101 9.30 -12.66 1.68
CA ILE A 101 10.54 -12.10 1.14
C ILE A 101 10.62 -12.45 -0.35
N TYR A 102 10.66 -11.44 -1.20
CA TYR A 102 10.87 -11.64 -2.62
C TYR A 102 12.35 -11.46 -2.93
N ALA A 103 12.95 -12.50 -3.50
CA ALA A 103 14.30 -12.49 -4.01
C ALA A 103 14.24 -12.31 -5.52
N VAL A 104 14.96 -11.30 -6.02
CA VAL A 104 14.84 -10.81 -7.37
C VAL A 104 16.22 -10.79 -8.02
N GLY A 105 16.32 -11.42 -9.18
CA GLY A 105 17.50 -11.27 -10.02
C GLY A 105 18.72 -11.91 -9.39
N GLY A 106 19.86 -11.27 -9.62
CA GLY A 106 21.14 -11.82 -9.21
C GLY A 106 21.73 -12.71 -10.27
N SER A 107 22.97 -13.13 -10.02
CA SER A 107 23.71 -13.96 -10.95
C SER A 107 24.10 -15.27 -10.30
N HIS A 108 24.28 -16.29 -11.13
CA HIS A 108 24.92 -17.55 -10.74
C HIS A 108 25.97 -17.84 -11.81
N GLY A 109 27.23 -17.60 -11.47
CA GLY A 109 28.25 -17.71 -12.49
C GLY A 109 27.96 -16.68 -13.57
N CYS A 110 27.88 -17.13 -14.81
CA CYS A 110 27.58 -16.22 -15.89
CA CYS A 110 27.58 -16.28 -15.95
C CYS A 110 26.09 -16.14 -16.22
N ILE A 111 25.25 -16.91 -15.51
CA ILE A 111 23.81 -16.82 -15.66
C ILE A 111 23.31 -15.56 -14.97
N HIS A 112 22.64 -14.69 -15.71
CA HIS A 112 22.01 -13.49 -15.15
C HIS A 112 20.52 -13.74 -15.04
N HIS A 113 20.01 -13.81 -13.82
CA HIS A 113 18.63 -14.23 -13.58
C HIS A 113 17.65 -13.12 -13.93
N ASN A 114 16.55 -13.50 -14.59
CA ASN A 114 15.31 -12.75 -14.52
C ASN A 114 14.30 -13.39 -13.57
N SER A 115 14.60 -14.57 -13.05
CA SER A 115 13.68 -15.29 -12.17
C SER A 115 13.52 -14.57 -10.83
N VAL A 116 12.36 -14.77 -10.21
CA VAL A 116 12.00 -14.18 -8.93
C VAL A 116 11.36 -15.28 -8.08
N GLU A 117 11.68 -15.30 -6.79
CA GLU A 117 11.05 -16.29 -5.92
C GLU A 117 10.69 -15.67 -4.58
N ARG A 118 9.74 -16.31 -3.89
CA ARG A 118 9.08 -15.77 -2.72
C ARG A 118 9.25 -16.73 -1.55
N TYR A 119 9.69 -16.20 -0.42
CA TYR A 119 9.94 -16.96 0.80
C TYR A 119 8.83 -16.69 1.80
N GLU A 120 8.23 -17.76 2.32
CA GLU A 120 7.28 -17.69 3.41
C GLU A 120 7.98 -18.15 4.67
N PRO A 121 8.17 -17.26 5.66
CA PRO A 121 8.84 -17.65 6.90
C PRO A 121 8.04 -18.60 7.77
N GLU A 122 6.72 -18.57 7.65
CA GLU A 122 5.89 -19.36 8.55
C GLU A 122 5.81 -20.82 8.11
N ARG A 123 6.15 -21.10 6.85
CA ARG A 123 6.36 -22.45 6.37
C ARG A 123 7.83 -22.74 6.06
N ASP A 124 8.71 -21.75 6.22
CA ASP A 124 10.11 -21.84 5.82
C ASP A 124 10.25 -22.46 4.42
N GLU A 125 9.64 -21.79 3.43
CA GLU A 125 9.69 -22.39 2.10
C GLU A 125 9.68 -21.33 1.02
N TRP A 126 10.38 -21.64 -0.07
CA TRP A 126 10.50 -20.77 -1.24
C TRP A 126 9.65 -21.31 -2.37
N HIS A 127 9.02 -20.42 -3.13
CA HIS A 127 8.29 -20.79 -4.33
C HIS A 127 8.58 -19.78 -5.44
N LEU A 128 8.70 -20.26 -6.67
CA LEU A 128 8.98 -19.38 -7.79
C LEU A 128 7.73 -18.63 -8.20
N VAL A 129 7.88 -17.33 -8.46
CA VAL A 129 6.80 -16.53 -9.02
C VAL A 129 7.17 -16.14 -10.45
N ALA A 130 6.37 -15.29 -11.07
CA ALA A 130 6.59 -14.94 -12.47
C ALA A 130 7.95 -14.24 -12.64
N PRO A 131 8.74 -14.59 -13.65
CA PRO A 131 10.03 -13.92 -13.84
C PRO A 131 9.85 -12.49 -14.34
N MET A 132 10.90 -11.67 -14.08
CA MET A 132 10.93 -10.30 -14.59
C MET A 132 10.96 -10.28 -16.12
N LEU A 133 10.66 -9.11 -16.67
CA LEU A 133 10.85 -8.87 -18.10
C LEU A 133 12.32 -8.79 -18.47
N THR A 134 13.20 -8.60 -17.49
CA THR A 134 14.60 -8.30 -17.75
C THR A 134 15.48 -9.09 -16.79
N ARG A 135 16.59 -9.61 -17.30
CA ARG A 135 17.63 -10.14 -16.44
C ARG A 135 18.33 -8.97 -15.76
N ARG A 136 18.39 -9.00 -14.44
CA ARG A 136 18.95 -7.88 -13.67
C ARG A 136 19.79 -8.43 -12.53
N ILE A 137 21.09 -8.15 -12.56
CA ILE A 137 21.93 -8.32 -11.37
C ILE A 137 22.42 -6.93 -10.98
N GLY A 138 22.81 -6.78 -9.72
CA GLY A 138 23.01 -5.45 -9.19
C GLY A 138 21.75 -4.62 -9.26
N VAL A 139 20.60 -5.26 -9.02
CA VAL A 139 19.28 -4.66 -9.16
C VAL A 139 18.85 -4.06 -7.82
N GLY A 140 18.25 -2.88 -7.88
CA GLY A 140 17.65 -2.28 -6.69
C GLY A 140 16.19 -2.68 -6.58
N VAL A 141 15.74 -2.93 -5.36
CA VAL A 141 14.38 -3.42 -5.14
C VAL A 141 13.75 -2.62 -4.03
N ALA A 142 12.50 -2.23 -4.24
CA ALA A 142 11.75 -1.47 -3.25
C ALA A 142 10.30 -1.92 -3.29
N VAL A 143 9.58 -1.68 -2.20
CA VAL A 143 8.18 -2.06 -2.11
C VAL A 143 7.38 -0.81 -1.80
N LEU A 144 6.35 -0.56 -2.61
CA LEU A 144 5.51 0.61 -2.42
C LEU A 144 4.07 0.18 -2.67
N ASN A 145 3.22 0.38 -1.66
CA ASN A 145 1.81 0.01 -1.72
C ASN A 145 1.63 -1.46 -2.07
N ARG A 146 2.51 -2.30 -1.51
CA ARG A 146 2.47 -3.75 -1.68
C ARG A 146 2.76 -4.17 -3.12
N LEU A 147 3.39 -3.29 -3.89
CA LEU A 147 3.85 -3.62 -5.24
C LEU A 147 5.37 -3.63 -5.21
N LEU A 148 5.97 -4.54 -5.97
CA LEU A 148 7.41 -4.78 -5.87
C LEU A 148 8.12 -4.20 -7.09
N TYR A 149 9.06 -3.29 -6.85
CA TYR A 149 9.76 -2.60 -7.93
C TYR A 149 11.19 -3.10 -8.05
N ALA A 150 11.57 -3.48 -9.27
CA ALA A 150 12.93 -3.80 -9.64
C ALA A 150 13.47 -2.69 -10.55
N VAL A 151 14.61 -2.14 -10.17
CA VAL A 151 15.12 -0.88 -10.69
C VAL A 151 16.57 -1.07 -11.13
N GLY A 152 16.86 -0.76 -12.39
CA GLY A 152 18.23 -0.73 -12.88
C GLY A 152 18.84 -2.13 -12.94
N GLY A 153 20.16 -2.16 -12.83
CA GLY A 153 20.91 -3.41 -12.84
C GLY A 153 21.69 -3.64 -14.11
N PHE A 154 22.09 -4.90 -14.30
CA PHE A 154 22.99 -5.31 -15.38
C PHE A 154 22.50 -6.65 -15.91
N ASP A 155 22.23 -6.71 -17.22
CA ASP A 155 21.64 -7.91 -17.81
C ASP A 155 22.67 -8.87 -18.38
N GLY A 156 23.96 -8.61 -18.17
CA GLY A 156 25.02 -9.41 -18.71
C GLY A 156 25.71 -8.78 -19.91
N THR A 157 25.02 -7.88 -20.59
CA THR A 157 25.57 -7.14 -21.73
C THR A 157 25.46 -5.64 -21.53
N ASN A 158 24.30 -5.14 -21.11
CA ASN A 158 24.07 -3.73 -20.88
C ASN A 158 23.61 -3.47 -19.45
N ARG A 159 24.02 -2.32 -18.94
CA ARG A 159 23.47 -1.78 -17.71
C ARG A 159 22.23 -0.95 -18.02
N LEU A 160 21.33 -0.85 -17.04
CA LEU A 160 19.93 -0.50 -17.27
C LEU A 160 19.53 0.74 -16.48
N ASN A 161 18.71 1.58 -17.10
CA ASN A 161 17.94 2.59 -16.38
C ASN A 161 16.46 2.23 -16.28
N SER A 162 16.05 1.13 -16.92
CA SER A 162 14.64 0.74 -16.91
C SER A 162 14.24 0.21 -15.54
N ALA A 163 12.94 0.24 -15.27
CA ALA A 163 12.39 -0.33 -14.06
C ALA A 163 11.06 -1.01 -14.36
N GLU A 164 10.76 -2.04 -13.57
CA GLU A 164 9.51 -2.77 -13.72
C GLU A 164 8.89 -3.05 -12.35
N CYS A 165 7.60 -3.36 -12.37
CA CYS A 165 6.76 -3.45 -11.19
C CYS A 165 6.02 -4.78 -11.22
N TYR A 166 6.11 -5.53 -10.11
CA TYR A 166 5.45 -6.81 -9.93
C TYR A 166 4.19 -6.63 -9.12
N TYR A 167 3.07 -7.12 -9.68
CA TYR A 167 1.77 -7.19 -9.02
C TYR A 167 1.59 -8.58 -8.46
N PRO A 168 1.69 -8.78 -7.15
CA PRO A 168 1.53 -10.14 -6.61
C PRO A 168 0.16 -10.74 -6.86
N GLU A 169 -0.89 -9.90 -6.92
CA GLU A 169 -2.25 -10.43 -7.06
C GLU A 169 -2.52 -10.93 -8.47
N ARG A 170 -1.72 -10.48 -9.45
CA ARG A 170 -1.87 -10.92 -10.82
C ARG A 170 -0.65 -11.68 -11.31
N ASN A 171 0.38 -11.81 -10.48
CA ASN A 171 1.60 -12.57 -10.77
C ASN A 171 2.15 -12.19 -12.14
N GLU A 172 2.38 -10.88 -12.30
CA GLU A 172 2.86 -10.38 -13.57
C GLU A 172 3.66 -9.11 -13.34
N TRP A 173 4.65 -8.91 -14.22
CA TRP A 173 5.53 -7.75 -14.21
C TRP A 173 5.10 -6.81 -15.32
N ARG A 174 5.19 -5.51 -15.04
CA ARG A 174 4.84 -4.44 -15.96
C ARG A 174 5.96 -3.40 -15.96
N MET A 175 6.39 -2.98 -17.14
CA MET A 175 7.40 -1.94 -17.20
C MET A 175 6.84 -0.62 -16.70
N ILE A 176 7.65 0.15 -15.99
CA ILE A 176 7.26 1.50 -15.56
C ILE A 176 8.18 2.51 -16.23
N THR A 177 8.05 3.78 -15.87
CA THR A 177 8.93 4.81 -16.38
C THR A 177 10.37 4.51 -16.01
N ALA A 178 11.27 4.65 -16.97
CA ALA A 178 12.69 4.40 -16.72
C ALA A 178 13.28 5.55 -15.91
N MET A 179 14.35 5.24 -15.18
CA MET A 179 15.09 6.26 -14.47
C MET A 179 15.73 7.25 -15.44
N ASN A 180 16.15 8.39 -14.89
CA ASN A 180 16.93 9.32 -15.70
C ASN A 180 18.32 8.77 -15.99
N THR A 181 18.87 7.97 -15.09
CA THR A 181 20.25 7.51 -15.18
C THR A 181 20.35 6.00 -15.15
N ILE A 182 21.25 5.47 -15.98
CA ILE A 182 21.57 4.04 -15.94
C ILE A 182 22.35 3.74 -14.67
N ARG A 183 21.92 2.71 -13.93
CA ARG A 183 22.49 2.39 -12.64
C ARG A 183 22.48 0.88 -12.43
N SER A 184 23.66 0.31 -12.23
CA SER A 184 23.81 -1.01 -11.64
C SER A 184 24.49 -0.85 -10.29
N GLY A 185 24.12 -1.71 -9.34
CA GLY A 185 24.62 -1.58 -7.98
C GLY A 185 24.23 -0.30 -7.28
N ALA A 186 23.06 0.25 -7.59
CA ALA A 186 22.60 1.41 -6.83
C ALA A 186 21.91 0.95 -5.54
N GLY A 187 21.71 1.90 -4.63
CA GLY A 187 20.90 1.66 -3.45
C GLY A 187 19.49 2.16 -3.68
N VAL A 188 18.52 1.27 -3.50
CA VAL A 188 17.13 1.58 -3.81
C VAL A 188 16.30 1.28 -2.58
N CYS A 189 15.51 2.26 -2.16
CA CYS A 189 14.70 2.15 -0.96
C CYS A 189 13.41 2.93 -1.15
N VAL A 190 12.48 2.78 -0.21
CA VAL A 190 11.27 3.59 -0.19
C VAL A 190 11.39 4.54 1.00
N LEU A 191 11.08 5.80 0.75
CA LEU A 191 11.03 6.81 1.80
C LEU A 191 9.79 7.66 1.59
N HIS A 192 9.03 7.86 2.66
CA HIS A 192 7.74 8.53 2.61
C HIS A 192 6.91 7.78 1.57
N ASN A 193 6.49 8.39 0.47
CA ASN A 193 5.79 7.63 -0.56
C ASN A 193 6.51 7.66 -1.90
N CYS A 194 7.84 7.64 -1.88
CA CYS A 194 8.63 7.70 -3.10
C CYS A 194 9.72 6.64 -3.08
N ILE A 195 10.15 6.23 -4.27
CA ILE A 195 11.23 5.26 -4.40
C ILE A 195 12.52 6.03 -4.71
N TYR A 196 13.54 5.83 -3.89
CA TYR A 196 14.82 6.50 -4.12
C TYR A 196 15.83 5.50 -4.69
N ALA A 197 16.58 5.97 -5.69
CA ALA A 197 17.69 5.25 -6.29
C ALA A 197 18.90 6.16 -6.18
N ALA A 198 19.91 5.72 -5.44
CA ALA A 198 21.08 6.51 -5.08
C ALA A 198 22.33 5.82 -5.59
N GLY A 199 23.18 6.58 -6.26
CA GLY A 199 24.46 6.06 -6.71
C GLY A 199 24.31 4.98 -7.76
N GLY A 200 25.24 4.04 -7.72
CA GLY A 200 25.32 2.99 -8.71
C GLY A 200 26.50 3.18 -9.64
N TYR A 201 26.46 2.45 -10.75
CA TYR A 201 27.50 2.46 -11.77
C TYR A 201 26.84 2.41 -13.13
N ASP A 202 27.21 3.35 -14.02
CA ASP A 202 26.58 3.41 -15.32
C ASP A 202 27.43 2.80 -16.43
N GLY A 203 28.46 2.03 -16.08
CA GLY A 203 29.38 1.50 -17.06
C GLY A 203 30.56 2.40 -17.38
N GLN A 204 30.57 3.62 -16.88
CA GLN A 204 31.70 4.54 -17.06
C GLN A 204 32.15 5.17 -15.75
N ASP A 205 31.21 5.61 -14.92
CA ASP A 205 31.55 6.28 -13.67
C ASP A 205 30.64 5.75 -12.57
N GLN A 206 31.20 5.69 -11.37
CA GLN A 206 30.39 5.56 -10.17
C GLN A 206 29.64 6.88 -9.97
N LEU A 207 28.42 6.80 -9.44
CA LEU A 207 27.51 7.93 -9.42
C LEU A 207 27.27 8.42 -8.01
N ASN A 208 27.15 9.74 -7.86
CA ASN A 208 26.64 10.33 -6.63
C ASN A 208 25.22 10.85 -6.77
N SER A 209 24.65 10.85 -7.97
CA SER A 209 23.30 11.35 -8.16
C SER A 209 22.28 10.48 -7.44
N VAL A 210 21.15 11.10 -7.08
CA VAL A 210 20.04 10.41 -6.44
C VAL A 210 18.75 10.87 -7.12
N GLU A 211 17.87 9.93 -7.43
CA GLU A 211 16.58 10.30 -8.00
C GLU A 211 15.47 9.49 -7.36
N ARG A 212 14.27 10.08 -7.32
CA ARG A 212 13.13 9.46 -6.68
C ARG A 212 11.94 9.41 -7.62
N TYR A 213 11.24 8.28 -7.54
CA TYR A 213 10.08 7.97 -8.37
C TYR A 213 8.82 8.24 -7.57
N ASP A 214 7.94 9.07 -8.15
CA ASP A 214 6.60 9.33 -7.64
C ASP A 214 5.59 8.56 -8.49
N VAL A 215 4.87 7.64 -7.84
CA VAL A 215 3.88 6.80 -8.51
C VAL A 215 2.74 7.65 -9.06
N ALA A 216 2.32 8.66 -8.30
CA ALA A 216 1.19 9.48 -8.73
C ALA A 216 1.46 10.14 -10.06
N THR A 217 2.65 10.72 -10.23
CA THR A 217 3.05 11.31 -11.50
C THR A 217 3.79 10.33 -12.38
N ALA A 218 4.11 9.14 -11.88
CA ALA A 218 4.95 8.16 -12.57
C ALA A 218 6.20 8.82 -13.14
N THR A 219 6.88 9.60 -12.29
CA THR A 219 8.02 10.38 -12.76
C THR A 219 9.22 10.24 -11.82
N TRP A 220 10.40 10.04 -12.39
CA TRP A 220 11.62 9.88 -11.60
C TRP A 220 12.36 11.22 -11.49
N THR A 221 12.12 11.92 -10.38
CA THR A 221 12.76 13.21 -10.15
C THR A 221 14.13 13.05 -9.51
N PHE A 222 15.03 13.99 -9.79
CA PHE A 222 16.39 13.95 -9.24
C PHE A 222 16.50 14.90 -8.06
N VAL A 223 17.03 14.39 -6.95
CA VAL A 223 17.21 15.20 -5.75
C VAL A 223 18.68 15.52 -5.49
N ALA A 224 18.96 16.12 -4.35
CA ALA A 224 20.33 16.48 -3.99
C ALA A 224 21.25 15.26 -4.02
N PRO A 225 22.36 15.36 -4.78
CA PRO A 225 23.32 14.27 -4.91
C PRO A 225 24.12 14.06 -3.63
N MET A 226 24.59 12.84 -3.41
CA MET A 226 25.36 12.53 -2.21
C MET A 226 26.80 13.03 -2.32
N LYS A 227 27.45 13.21 -1.18
CA LYS A 227 28.82 13.69 -1.14
C LYS A 227 29.74 12.84 -2.01
N HIS A 228 29.67 11.51 -1.86
CA HIS A 228 30.66 10.61 -2.43
C HIS A 228 30.00 9.65 -3.42
N ARG A 229 30.48 9.68 -4.67
CA ARG A 229 30.10 8.67 -5.64
C ARG A 229 30.37 7.28 -5.09
N ARG A 230 29.47 6.34 -5.37
CA ARG A 230 29.60 4.99 -4.82
C ARG A 230 28.71 4.03 -5.59
N SER A 231 29.24 2.83 -5.83
CA SER A 231 28.46 1.72 -6.37
C SER A 231 28.56 0.55 -5.40
N ALA A 232 27.55 -0.31 -5.46
CA ALA A 232 27.42 -1.46 -4.55
C ALA A 232 27.36 -0.99 -3.10
N LEU A 233 26.58 0.06 -2.86
CA LEU A 233 26.38 0.60 -1.53
C LEU A 233 25.21 -0.10 -0.85
N GLY A 234 25.25 -0.12 0.48
CA GLY A 234 24.11 -0.54 1.27
C GLY A 234 23.23 0.66 1.56
N ILE A 235 21.93 0.41 1.74
CA ILE A 235 21.00 1.51 1.94
C ILE A 235 19.86 1.04 2.82
N THR A 236 19.31 1.98 3.62
CA THR A 236 18.14 1.68 4.44
C THR A 236 17.51 2.99 4.91
N VAL A 237 16.32 2.88 5.48
CA VAL A 237 15.60 4.03 6.03
C VAL A 237 15.48 3.84 7.52
N HIS A 238 15.90 4.87 8.27
CA HIS A 238 15.78 4.89 9.73
C HIS A 238 15.20 6.23 10.14
N GLN A 239 14.08 6.18 10.86
CA GLN A 239 13.42 7.35 11.43
C GLN A 239 13.24 8.45 10.40
N GLY A 240 12.74 8.05 9.23
CA GLY A 240 12.42 9.01 8.19
C GLY A 240 13.60 9.62 7.48
N ARG A 241 14.78 9.00 7.57
CA ARG A 241 15.93 9.46 6.80
C ARG A 241 16.61 8.28 6.13
N ILE A 242 17.28 8.57 5.02
CA ILE A 242 17.95 7.53 4.26
C ILE A 242 19.40 7.46 4.73
N TYR A 243 19.92 6.25 4.85
CA TYR A 243 21.32 6.02 5.17
C TYR A 243 21.93 5.18 4.07
N VAL A 244 23.07 5.63 3.54
CA VAL A 244 23.87 4.86 2.60
C VAL A 244 25.19 4.54 3.27
N LEU A 245 25.63 3.29 3.08
CA LEU A 245 26.75 2.70 3.82
C LEU A 245 27.72 2.10 2.82
N GLY A 246 28.98 2.54 2.88
CA GLY A 246 30.03 1.93 2.09
C GLY A 246 29.82 2.09 0.59
N GLY A 247 30.31 1.11 -0.15
CA GLY A 247 30.31 1.15 -1.59
C GLY A 247 31.72 1.26 -2.14
N TYR A 248 31.79 1.42 -3.45
CA TYR A 248 33.04 1.43 -4.20
C TYR A 248 33.04 2.61 -5.14
N ASP A 249 34.13 3.38 -5.17
CA ASP A 249 34.15 4.61 -5.97
C ASP A 249 35.12 4.54 -7.15
N GLY A 250 35.48 3.33 -7.59
CA GLY A 250 36.47 3.18 -8.62
C GLY A 250 37.89 3.08 -8.11
N HIS A 251 38.14 3.39 -6.84
CA HIS A 251 39.48 3.30 -6.28
C HIS A 251 39.47 2.69 -4.89
N THR A 252 38.48 3.06 -4.08
CA THR A 252 38.48 2.72 -2.67
C THR A 252 37.17 2.02 -2.31
N PHE A 253 37.26 1.13 -1.32
CA PHE A 253 36.08 0.58 -0.68
C PHE A 253 35.75 1.52 0.47
N LEU A 254 34.59 2.15 0.39
CA LEU A 254 34.25 3.26 1.26
C LEU A 254 33.80 2.76 2.63
N ASP A 255 34.17 3.47 3.68
CA ASP A 255 33.56 3.31 4.99
C ASP A 255 32.63 4.47 5.36
N SER A 256 32.58 5.51 4.53
CA SER A 256 31.66 6.63 4.72
C SER A 256 30.21 6.16 4.81
N VAL A 257 29.47 6.73 5.76
CA VAL A 257 28.01 6.57 5.85
C VAL A 257 27.39 7.95 5.73
N GLU A 258 26.53 8.13 4.73
CA GLU A 258 25.85 9.39 4.52
C GLU A 258 24.36 9.25 4.85
N CYS A 259 23.75 10.34 5.28
CA CYS A 259 22.35 10.33 5.69
C CYS A 259 21.62 11.48 5.01
N TYR A 260 20.45 11.17 4.45
CA TYR A 260 19.63 12.09 3.68
C TYR A 260 18.38 12.45 4.47
N ASP A 261 18.20 13.76 4.69
CA ASP A 261 17.02 14.36 5.31
C ASP A 261 16.12 14.91 4.21
N PRO A 262 14.93 14.36 4.00
CA PRO A 262 14.11 14.84 2.88
C PRO A 262 13.50 16.21 3.10
N ASP A 263 13.35 16.66 4.35
CA ASP A 263 12.77 17.98 4.59
C ASP A 263 13.72 19.10 4.20
N THR A 264 15.03 18.84 4.23
CA THR A 264 16.01 19.84 3.80
C THR A 264 16.68 19.49 2.48
N ASP A 265 16.36 18.34 1.88
CA ASP A 265 17.02 17.85 0.68
C ASP A 265 18.54 18.01 0.78
N THR A 266 19.10 17.47 1.88
CA THR A 266 20.53 17.55 2.14
C THR A 266 21.06 16.20 2.60
N TRP A 267 22.30 15.92 2.21
CA TRP A 267 23.03 14.74 2.62
C TRP A 267 24.07 15.15 3.65
N SER A 268 24.16 14.39 4.74
CA SER A 268 25.17 14.59 5.78
C SER A 268 25.96 13.32 5.96
N GLU A 269 27.27 13.46 6.16
CA GLU A 269 28.09 12.33 6.56
C GLU A 269 28.02 12.18 8.07
N VAL A 270 27.55 11.03 8.55
CA VAL A 270 27.22 10.89 9.96
C VAL A 270 28.17 9.96 10.69
N THR A 271 28.78 8.99 10.01
CA THR A 271 29.69 8.08 10.67
C THR A 271 30.55 7.36 9.63
N ARG A 272 31.53 6.63 10.12
CA ARG A 272 32.33 5.73 9.31
C ARG A 272 32.17 4.32 9.85
N MET A 273 31.99 3.36 8.95
CA MET A 273 32.05 1.97 9.36
C MET A 273 33.44 1.64 9.90
N THR A 274 33.51 0.59 10.72
CA THR A 274 34.79 0.19 11.29
C THR A 274 35.81 -0.19 10.22
N SER A 275 35.35 -0.53 9.02
CA SER A 275 36.24 -0.87 7.92
C SER A 275 35.47 -0.71 6.61
N GLY A 276 36.13 -0.13 5.61
CA GLY A 276 35.49 0.04 4.31
C GLY A 276 35.07 -1.28 3.69
N ARG A 277 33.96 -1.22 2.96
CA ARG A 277 33.41 -2.41 2.34
C ARG A 277 32.31 -2.01 1.36
N SER A 278 32.07 -2.89 0.40
CA SER A 278 31.00 -2.76 -0.57
C SER A 278 30.14 -4.02 -0.54
N GLY A 279 29.03 -3.96 -1.25
CA GLY A 279 28.14 -5.11 -1.37
C GLY A 279 27.64 -5.71 -0.08
N VAL A 280 27.23 -4.87 0.87
CA VAL A 280 26.69 -5.34 2.13
C VAL A 280 25.19 -5.56 1.99
N GLY A 281 24.61 -6.29 2.94
CA GLY A 281 23.18 -6.25 3.18
C GLY A 281 22.94 -5.36 4.39
N VAL A 282 21.79 -4.68 4.40
CA VAL A 282 21.49 -3.67 5.42
C VAL A 282 20.00 -3.67 5.70
N ALA A 283 19.66 -3.57 6.98
CA ALA A 283 18.27 -3.44 7.37
C ALA A 283 18.20 -2.89 8.79
N VAL A 284 16.99 -2.54 9.22
CA VAL A 284 16.78 -1.89 10.51
C VAL A 284 15.94 -2.82 11.38
N THR A 285 16.41 -3.07 12.59
CA THR A 285 15.59 -3.81 13.56
C THR A 285 16.09 -3.62 14.98
N ARG B 2 -8.05 -7.80 13.71
CA ARG B 2 -8.88 -6.74 13.14
C ARG B 2 -10.24 -7.28 12.71
N LEU B 3 -11.26 -6.45 12.87
CA LEU B 3 -12.64 -6.82 12.59
C LEU B 3 -13.23 -5.86 11.57
N ILE B 4 -14.24 -6.35 10.85
CA ILE B 4 -15.00 -5.55 9.88
C ILE B 4 -16.26 -5.05 10.59
N TYR B 5 -16.30 -3.77 10.91
CA TYR B 5 -17.45 -3.18 11.57
C TYR B 5 -18.40 -2.61 10.53
N THR B 6 -19.69 -2.93 10.67
CA THR B 6 -20.78 -2.34 9.90
C THR B 6 -21.70 -1.59 10.85
N ALA B 7 -21.95 -0.32 10.52
CA ALA B 7 -22.73 0.59 11.33
C ALA B 7 -23.90 1.13 10.52
N GLY B 8 -25.08 1.14 11.15
CA GLY B 8 -26.27 1.72 10.56
C GLY B 8 -26.86 0.87 9.46
N GLY B 9 -27.51 1.52 8.51
CA GLY B 9 -28.21 0.85 7.44
C GLY B 9 -29.71 1.12 7.50
N TYR B 10 -30.43 0.47 6.58
CA TYR B 10 -31.86 0.70 6.43
C TYR B 10 -32.58 -0.61 6.14
N PHE B 11 -33.65 -0.86 6.88
CA PHE B 11 -34.47 -2.06 6.72
C PHE B 11 -35.87 -1.67 7.15
N ARG B 12 -36.51 -0.87 6.27
CA ARG B 12 -37.85 -0.24 6.38
C ARG B 12 -37.89 1.02 7.28
N GLN B 13 -36.72 1.39 7.78
CA GLN B 13 -36.43 2.52 8.66
C GLN B 13 -34.93 2.47 8.92
N SER B 14 -34.30 3.62 9.19
CA SER B 14 -32.88 3.66 9.45
C SER B 14 -32.57 2.95 10.77
N LEU B 15 -31.36 2.40 10.86
CA LEU B 15 -31.01 1.45 11.91
C LEU B 15 -29.85 1.95 12.76
N SER B 16 -29.77 1.41 13.98
CA SER B 16 -28.74 1.77 14.94
C SER B 16 -27.68 0.70 15.11
N TYR B 17 -27.78 -0.42 14.37
CA TYR B 17 -26.90 -1.55 14.60
C TYR B 17 -25.44 -1.18 14.38
N LEU B 18 -24.58 -1.59 15.32
CA LEU B 18 -23.14 -1.67 15.11
C LEU B 18 -22.73 -3.11 15.35
N GLU B 19 -22.26 -3.78 14.31
CA GLU B 19 -21.87 -5.17 14.40
C GLU B 19 -20.47 -5.36 13.84
N ALA B 20 -19.76 -6.35 14.37
CA ALA B 20 -18.38 -6.61 13.96
C ALA B 20 -18.25 -8.04 13.49
N TYR B 21 -17.74 -8.22 12.28
CA TYR B 21 -17.51 -9.53 11.68
C TYR B 21 -16.03 -9.88 11.73
N ASN B 22 -15.74 -11.15 12.00
CA ASN B 22 -14.38 -11.67 12.03
C ASN B 22 -14.21 -12.80 11.02
N PRO B 23 -13.54 -12.55 9.87
CA PRO B 23 -13.38 -13.60 8.85
C PRO B 23 -12.70 -14.87 9.34
N SER B 24 -12.05 -14.82 10.50
CA SER B 24 -11.34 -16.00 10.99
C SER B 24 -12.31 -17.07 11.47
N ASP B 25 -13.14 -16.75 12.45
CA ASP B 25 -14.10 -17.69 13.00
C ASP B 25 -15.52 -17.49 12.47
N GLY B 26 -15.75 -16.48 11.63
CA GLY B 26 -17.09 -16.24 11.15
C GLY B 26 -18.05 -15.68 12.18
N THR B 27 -17.53 -15.19 13.30
CA THR B 27 -18.36 -14.75 14.42
C THR B 27 -18.91 -13.35 14.15
N TRP B 28 -20.10 -13.09 14.68
CA TRP B 28 -20.72 -11.76 14.62
C TRP B 28 -20.90 -11.22 16.04
N LEU B 29 -20.28 -10.07 16.30
CA LEU B 29 -20.36 -9.38 17.58
C LEU B 29 -21.33 -8.21 17.46
N ARG B 30 -22.28 -8.12 18.39
CA ARG B 30 -23.21 -6.99 18.45
C ARG B 30 -22.67 -6.01 19.50
N LEU B 31 -22.32 -4.81 19.06
CA LEU B 31 -21.74 -3.81 19.94
C LEU B 31 -22.73 -2.68 20.22
N ALA B 32 -22.22 -1.59 20.78
CA ALA B 32 -23.08 -0.50 21.24
C ALA B 32 -23.78 0.18 20.08
N ASP B 33 -25.10 0.35 20.21
CA ASP B 33 -25.89 1.03 19.20
C ASP B 33 -25.38 2.46 18.94
N LEU B 34 -25.58 2.91 17.72
CA LEU B 34 -25.45 4.34 17.42
C LEU B 34 -26.40 5.14 18.30
N GLN B 35 -25.99 6.35 18.68
CA GLN B 35 -26.88 7.22 19.43
C GLN B 35 -28.08 7.63 18.59
N VAL B 36 -27.87 7.81 17.28
CA VAL B 36 -28.94 8.19 16.35
C VAL B 36 -28.93 7.19 15.20
N PRO B 37 -30.08 6.63 14.81
CA PRO B 37 -30.12 5.77 13.63
C PRO B 37 -29.72 6.51 12.37
N ARG B 38 -28.97 5.84 11.50
CA ARG B 38 -28.57 6.45 10.23
C ARG B 38 -28.41 5.39 9.16
N SER B 39 -28.81 5.74 7.94
CA SER B 39 -28.53 4.99 6.74
C SER B 39 -27.99 5.96 5.69
N GLY B 40 -27.35 5.40 4.66
CA GLY B 40 -26.67 6.25 3.71
C GLY B 40 -25.42 6.91 4.25
N LEU B 41 -24.88 6.39 5.35
CA LEU B 41 -23.69 6.93 5.99
C LEU B 41 -22.44 6.27 5.40
N ALA B 42 -21.28 6.80 5.79
CA ALA B 42 -20.01 6.16 5.46
C ALA B 42 -19.22 5.90 6.74
N GLY B 43 -18.36 4.90 6.68
CA GLY B 43 -17.51 4.55 7.80
C GLY B 43 -16.05 4.61 7.44
N CYS B 44 -15.22 4.95 8.43
CA CYS B 44 -13.77 4.98 8.21
C CYS B 44 -13.08 4.79 9.55
N VAL B 45 -11.77 4.60 9.51
CA VAL B 45 -10.98 4.37 10.72
C VAL B 45 -9.77 5.28 10.71
N VAL B 46 -9.60 6.06 11.79
CA VAL B 46 -8.39 6.85 12.00
C VAL B 46 -7.92 6.63 13.43
N GLY B 47 -6.61 6.49 13.60
CA GLY B 47 -6.11 5.90 14.83
C GLY B 47 -6.61 4.47 14.89
N GLY B 48 -7.24 4.13 16.00
CA GLY B 48 -7.99 2.88 16.07
C GLY B 48 -9.47 3.18 16.21
N LEU B 49 -9.83 4.43 15.93
CA LEU B 49 -11.17 4.94 16.18
C LEU B 49 -12.03 4.84 14.92
N LEU B 50 -13.24 4.32 15.10
CA LEU B 50 -14.17 4.09 13.99
C LEU B 50 -15.09 5.31 13.87
N TYR B 51 -15.09 5.96 12.72
CA TYR B 51 -15.92 7.13 12.51
C TYR B 51 -17.11 6.78 11.61
N ALA B 52 -18.29 7.23 12.04
CA ALA B 52 -19.51 7.20 11.25
C ALA B 52 -19.82 8.62 10.81
N VAL B 53 -20.00 8.80 9.51
CA VAL B 53 -20.06 10.11 8.87
C VAL B 53 -21.35 10.21 8.07
N GLY B 54 -22.12 11.27 8.35
CA GLY B 54 -23.27 11.64 7.56
C GLY B 54 -24.43 10.66 7.63
N GLY B 55 -25.16 10.58 6.53
CA GLY B 55 -26.33 9.73 6.42
C GLY B 55 -27.61 10.48 6.71
N ARG B 56 -28.62 9.75 7.18
CA ARG B 56 -29.91 10.34 7.50
C ARG B 56 -30.70 9.35 8.34
N ASN B 57 -31.57 9.88 9.20
CA ASN B 57 -32.52 9.07 9.96
C ASN B 57 -33.87 9.15 9.25
N ASN B 58 -34.19 8.06 8.54
CA ASN B 58 -35.46 7.91 7.82
C ASN B 58 -36.36 7.04 8.69
N SER B 59 -37.27 7.67 9.41
CA SER B 59 -38.05 7.04 10.47
C SER B 59 -39.53 7.33 10.29
N PRO B 60 -40.40 6.55 10.92
CA PRO B 60 -41.86 6.81 10.83
C PRO B 60 -42.25 8.22 11.20
N ASP B 61 -41.35 9.01 11.80
CA ASP B 61 -41.69 10.36 12.21
C ASP B 61 -40.72 11.39 11.65
N GLY B 62 -39.91 11.03 10.66
CA GLY B 62 -38.99 12.02 10.13
C GLY B 62 -38.10 11.47 9.05
N ASN B 63 -37.25 12.34 8.54
CA ASN B 63 -36.29 12.00 7.50
C ASN B 63 -35.18 13.04 7.54
N THR B 64 -34.35 12.98 8.57
CA THR B 64 -33.41 14.05 8.85
C THR B 64 -32.04 13.68 8.29
N ASP B 65 -31.58 14.46 7.32
CA ASP B 65 -30.21 14.32 6.86
C ASP B 65 -29.26 14.69 7.98
N SER B 66 -28.09 14.04 8.00
CA SER B 66 -27.19 14.15 9.13
C SER B 66 -25.93 14.89 8.74
N SER B 67 -25.61 15.94 9.49
CA SER B 67 -24.31 16.58 9.46
C SER B 67 -23.34 15.93 10.45
N ALA B 68 -23.76 14.88 11.15
CA ALA B 68 -23.07 14.42 12.35
C ALA B 68 -21.83 13.60 12.00
N LEU B 69 -20.85 13.67 12.89
CA LEU B 69 -19.69 12.79 12.90
C LEU B 69 -19.61 12.14 14.27
N ASP B 70 -19.48 10.82 14.30
CA ASP B 70 -19.43 10.12 15.58
C ASP B 70 -18.28 9.13 15.60
N CYS B 71 -17.70 8.94 16.79
CA CYS B 71 -16.48 8.17 16.99
C CYS B 71 -16.75 7.02 17.93
N TYR B 72 -16.47 5.81 17.49
CA TYR B 72 -16.62 4.60 18.28
C TYR B 72 -15.24 4.12 18.70
N ASN B 73 -15.08 3.86 19.99
CA ASN B 73 -13.80 3.41 20.51
C ASN B 73 -13.88 1.93 20.80
N PRO B 74 -13.16 1.07 20.07
CA PRO B 74 -13.21 -0.38 20.38
C PRO B 74 -12.66 -0.71 21.75
N MET B 75 -11.92 0.21 22.38
CA MET B 75 -11.36 -0.06 23.70
C MET B 75 -12.40 0.14 24.80
N THR B 76 -13.41 0.97 24.54
CA THR B 76 -14.47 1.25 25.51
C THR B 76 -15.84 0.73 25.09
N ASN B 77 -16.05 0.42 23.81
CA ASN B 77 -17.39 0.13 23.27
C ASN B 77 -18.34 1.29 23.53
N GLN B 78 -17.86 2.51 23.31
CA GLN B 78 -18.70 3.70 23.44
C GLN B 78 -18.56 4.59 22.22
N TRP B 79 -19.66 5.23 21.86
CA TRP B 79 -19.74 6.28 20.87
C TRP B 79 -19.58 7.65 21.52
N SER B 80 -18.99 8.57 20.78
CA SER B 80 -18.80 9.95 21.22
C SER B 80 -19.05 10.89 20.06
N PRO B 81 -19.78 11.97 20.27
CA PRO B 81 -20.00 12.93 19.18
C PRO B 81 -18.74 13.74 18.91
N CYS B 82 -18.57 14.13 17.66
CA CYS B 82 -17.52 15.05 17.25
C CYS B 82 -18.15 16.29 16.64
N ALA B 83 -17.31 17.22 16.23
CA ALA B 83 -17.80 18.42 15.57
C ALA B 83 -18.58 18.03 14.32
N PRO B 84 -19.70 18.70 14.03
CA PRO B 84 -20.47 18.35 12.84
C PRO B 84 -19.91 19.02 11.60
N MET B 85 -20.25 18.43 10.46
CA MET B 85 -19.86 18.99 9.17
C MET B 85 -20.63 20.29 8.91
N SER B 86 -20.20 21.02 7.90
CA SER B 86 -20.86 22.27 7.57
C SER B 86 -22.25 22.05 7.00
N VAL B 87 -22.51 20.88 6.43
CA VAL B 87 -23.80 20.57 5.82
C VAL B 87 -24.16 19.13 6.10
N PRO B 88 -25.45 18.82 6.14
CA PRO B 88 -25.86 17.42 6.16
C PRO B 88 -25.45 16.73 4.86
N ARG B 89 -25.15 15.44 4.95
CA ARG B 89 -24.63 14.69 3.80
C ARG B 89 -25.22 13.28 3.83
N ASN B 90 -26.36 13.11 3.18
CA ASN B 90 -26.94 11.79 2.98
C ASN B 90 -26.35 11.13 1.75
N ARG B 91 -26.10 9.83 1.85
CA ARG B 91 -25.44 9.06 0.78
C ARG B 91 -24.08 9.66 0.46
N ILE B 92 -23.29 9.85 1.51
CA ILE B 92 -22.00 10.51 1.47
C ILE B 92 -20.92 9.53 1.01
N GLY B 93 -19.77 10.08 0.62
CA GLY B 93 -18.56 9.32 0.46
C GLY B 93 -17.52 9.83 1.43
N VAL B 94 -16.60 8.95 1.85
CA VAL B 94 -15.57 9.32 2.81
C VAL B 94 -14.24 8.68 2.43
N GLY B 95 -13.16 9.44 2.63
CA GLY B 95 -11.82 8.91 2.46
C GLY B 95 -10.91 9.51 3.51
N VAL B 96 -9.76 8.88 3.70
CA VAL B 96 -8.79 9.34 4.71
C VAL B 96 -7.44 9.59 4.05
N ILE B 97 -6.87 10.77 4.33
CA ILE B 97 -5.54 11.13 3.83
C ILE B 97 -4.80 11.85 4.94
N ASP B 98 -3.61 11.35 5.29
CA ASP B 98 -2.77 11.97 6.31
C ASP B 98 -3.52 12.14 7.63
N GLY B 99 -4.29 11.11 7.99
CA GLY B 99 -5.07 11.14 9.21
C GLY B 99 -6.20 12.14 9.22
N HIS B 100 -6.55 12.73 8.08
CA HIS B 100 -7.66 13.66 7.98
C HIS B 100 -8.78 13.03 7.16
N ILE B 101 -10.02 13.32 7.57
CA ILE B 101 -11.19 12.68 6.98
C ILE B 101 -11.80 13.61 5.96
N TYR B 102 -11.86 13.17 4.71
CA TYR B 102 -12.55 13.90 3.64
C TYR B 102 -13.97 13.36 3.54
N ALA B 103 -14.93 14.26 3.71
CA ALA B 103 -16.35 14.01 3.46
C ALA B 103 -16.69 14.65 2.13
N VAL B 104 -17.22 13.84 1.21
CA VAL B 104 -17.40 14.22 -0.18
C VAL B 104 -18.83 13.96 -0.61
N GLY B 105 -19.45 14.99 -1.20
CA GLY B 105 -20.73 14.84 -1.83
C GLY B 105 -21.83 14.61 -0.82
N GLY B 106 -22.80 13.79 -1.20
CA GLY B 106 -23.97 13.58 -0.38
C GLY B 106 -25.04 14.61 -0.65
N SER B 107 -26.22 14.39 -0.08
CA SER B 107 -27.35 15.26 -0.31
C SER B 107 -27.89 15.83 0.99
N HIS B 108 -28.48 17.01 0.88
CA HIS B 108 -29.28 17.62 1.94
C HIS B 108 -30.58 18.08 1.30
N GLY B 109 -31.67 17.37 1.57
CA GLY B 109 -32.93 17.64 0.91
C GLY B 109 -32.80 17.43 -0.59
N CYS B 110 -33.08 18.47 -1.37
CA CYS B 110 -32.94 18.45 -2.82
CA CYS B 110 -32.92 18.37 -2.81
C CYS B 110 -31.56 18.87 -3.29
N ILE B 111 -30.68 19.28 -2.38
CA ILE B 111 -29.35 19.75 -2.76
C ILE B 111 -28.41 18.55 -2.88
N HIS B 112 -27.78 18.41 -4.05
CA HIS B 112 -26.76 17.39 -4.27
C HIS B 112 -25.40 18.09 -4.21
N HIS B 113 -24.60 17.77 -3.20
CA HIS B 113 -23.36 18.49 -2.96
C HIS B 113 -22.29 18.13 -3.97
N ASN B 114 -21.58 19.13 -4.47
CA ASN B 114 -20.24 18.94 -5.02
C ASN B 114 -19.18 19.34 -4.00
N SER B 115 -19.59 19.91 -2.88
CA SER B 115 -18.65 20.37 -1.85
C SER B 115 -17.96 19.20 -1.17
N VAL B 116 -16.75 19.46 -0.68
CA VAL B 116 -15.93 18.50 0.03
C VAL B 116 -15.34 19.21 1.23
N GLU B 117 -15.29 18.53 2.37
CA GLU B 117 -14.67 19.15 3.54
C GLU B 117 -13.80 18.14 4.28
N ARG B 118 -12.88 18.68 5.07
CA ARG B 118 -11.78 17.94 5.67
C ARG B 118 -11.83 18.10 7.18
N TYR B 119 -11.79 16.99 7.89
CA TYR B 119 -11.83 16.94 9.34
C TYR B 119 -10.46 16.59 9.89
N GLU B 120 -10.01 17.39 10.86
CA GLU B 120 -8.81 17.14 11.64
C GLU B 120 -9.23 16.58 12.98
N PRO B 121 -8.84 15.34 13.31
CA PRO B 121 -9.21 14.78 14.61
C PRO B 121 -8.50 15.44 15.78
N GLU B 122 -7.29 15.95 15.57
CA GLU B 122 -6.54 16.54 16.67
C GLU B 122 -6.92 18.00 16.88
N ARG B 123 -7.63 18.59 15.93
CA ARG B 123 -8.25 19.89 16.12
C ARG B 123 -9.76 19.79 16.27
N ASP B 124 -10.32 18.58 16.11
CA ASP B 124 -11.76 18.38 16.08
C ASP B 124 -12.42 19.45 15.22
N GLU B 125 -12.03 19.49 13.94
CA GLU B 125 -12.48 20.64 13.16
C GLU B 125 -12.67 20.28 11.69
N TRP B 126 -13.68 20.90 11.08
CA TRP B 126 -13.96 20.74 9.65
C TRP B 126 -13.63 22.04 8.92
N HIS B 127 -13.04 21.90 7.73
CA HIS B 127 -12.84 23.04 6.84
C HIS B 127 -13.12 22.62 5.41
N LEU B 128 -13.78 23.50 4.66
CA LEU B 128 -14.12 23.22 3.27
C LEU B 128 -12.90 23.29 2.34
N VAL B 129 -12.90 22.45 1.32
CA VAL B 129 -11.81 22.41 0.35
C VAL B 129 -12.34 22.56 -1.07
N ALA B 130 -11.46 22.36 -2.05
CA ALA B 130 -11.85 22.48 -3.45
C ALA B 130 -13.02 21.55 -3.78
N PRO B 131 -14.13 22.13 -4.26
CA PRO B 131 -15.33 21.36 -4.61
C PRO B 131 -15.12 20.51 -5.85
N MET B 132 -15.70 19.31 -5.86
CA MET B 132 -15.58 18.40 -6.99
C MET B 132 -16.24 18.97 -8.24
N LEU B 133 -15.68 18.64 -9.39
CA LEU B 133 -16.21 19.11 -10.67
C LEU B 133 -17.68 18.72 -10.87
N THR B 134 -18.17 17.76 -10.08
CA THR B 134 -19.47 17.15 -10.28
C THR B 134 -20.17 17.03 -8.93
N ARG B 135 -21.47 17.31 -8.90
CA ARG B 135 -22.27 16.98 -7.74
C ARG B 135 -22.48 15.47 -7.69
N ARG B 136 -22.16 14.87 -6.55
CA ARG B 136 -22.18 13.40 -6.45
C ARG B 136 -22.80 12.98 -5.12
N ILE B 137 -23.92 12.27 -5.18
CA ILE B 137 -24.40 11.53 -4.03
C ILE B 137 -24.38 10.05 -4.39
N GLY B 138 -24.36 9.20 -3.37
CA GLY B 138 -24.09 7.79 -3.61
C GLY B 138 -22.75 7.55 -4.26
N VAL B 139 -21.76 8.36 -3.89
CA VAL B 139 -20.46 8.36 -4.54
C VAL B 139 -19.54 7.41 -3.80
N GLY B 140 -18.74 6.64 -4.55
CA GLY B 140 -17.73 5.78 -3.95
C GLY B 140 -16.42 6.55 -3.84
N VAL B 141 -15.70 6.32 -2.75
CA VAL B 141 -14.50 7.09 -2.48
C VAL B 141 -13.38 6.15 -2.08
N ALA B 142 -12.19 6.39 -2.62
CA ALA B 142 -11.04 5.58 -2.29
C ALA B 142 -9.81 6.47 -2.27
N VAL B 143 -8.77 6.03 -1.58
CA VAL B 143 -7.53 6.79 -1.46
C VAL B 143 -6.39 5.93 -1.98
N LEU B 144 -5.65 6.47 -2.95
CA LEU B 144 -4.54 5.74 -3.58
C LEU B 144 -3.41 6.72 -3.85
N ASN B 145 -2.20 6.39 -3.37
CA ASN B 145 -1.00 7.22 -3.58
C ASN B 145 -1.21 8.64 -3.07
N ARG B 146 -1.89 8.77 -1.92
CA ARG B 146 -2.16 10.05 -1.28
C ARG B 146 -3.10 10.92 -2.10
N LEU B 147 -3.79 10.33 -3.08
CA LEU B 147 -4.76 11.03 -3.91
C LEU B 147 -6.15 10.47 -3.65
N LEU B 148 -7.16 11.34 -3.68
CA LEU B 148 -8.50 10.91 -3.27
C LEU B 148 -9.42 10.82 -4.49
N TYR B 149 -10.00 9.65 -4.73
CA TYR B 149 -10.84 9.41 -5.90
C TYR B 149 -12.31 9.34 -5.50
N ALA B 150 -13.14 10.10 -6.22
CA ALA B 150 -14.59 10.03 -6.16
C ALA B 150 -15.10 9.39 -7.43
N VAL B 151 -15.90 8.34 -7.29
CA VAL B 151 -16.22 7.41 -8.36
C VAL B 151 -17.73 7.25 -8.44
N GLY B 152 -18.30 7.52 -9.60
CA GLY B 152 -19.71 7.28 -9.85
C GLY B 152 -20.59 8.22 -9.04
N GLY B 153 -21.83 7.79 -8.80
CA GLY B 153 -22.79 8.55 -8.06
C GLY B 153 -23.89 9.13 -8.91
N PHE B 154 -24.58 10.13 -8.34
CA PHE B 154 -25.79 10.72 -8.90
C PHE B 154 -25.74 12.22 -8.69
N ASP B 155 -25.89 12.99 -9.78
CA ASP B 155 -25.79 14.45 -9.68
C ASP B 155 -27.13 15.12 -9.47
N GLY B 156 -28.20 14.35 -9.27
CA GLY B 156 -29.54 14.84 -9.14
C GLY B 156 -30.39 14.62 -10.37
N THR B 157 -29.76 14.51 -11.53
CA THR B 157 -30.42 14.21 -12.80
C THR B 157 -29.81 13.02 -13.50
N ASN B 158 -28.49 12.92 -13.53
CA ASN B 158 -27.79 11.84 -14.21
C ASN B 158 -27.01 11.01 -13.20
N ARG B 159 -27.00 9.70 -13.41
CA ARG B 159 -26.08 8.82 -12.71
C ARG B 159 -24.79 8.76 -13.53
N LEU B 160 -23.69 8.52 -12.84
CA LEU B 160 -22.37 8.84 -13.36
C LEU B 160 -21.51 7.60 -13.51
N ASN B 161 -20.76 7.57 -14.62
CA ASN B 161 -19.63 6.66 -14.78
C ASN B 161 -18.31 7.38 -14.64
N SER B 162 -18.34 8.71 -14.50
CA SER B 162 -17.13 9.49 -14.37
C SER B 162 -16.50 9.27 -13.00
N ALA B 163 -15.20 9.54 -12.92
CA ALA B 163 -14.48 9.55 -11.67
C ALA B 163 -13.51 10.72 -11.71
N GLU B 164 -13.28 11.30 -10.55
CA GLU B 164 -12.35 12.43 -10.47
C GLU B 164 -11.43 12.23 -9.29
N CYS B 165 -10.30 12.92 -9.35
CA CYS B 165 -9.19 12.72 -8.44
C CYS B 165 -8.82 14.06 -7.84
N TYR B 166 -8.76 14.10 -6.52
CA TYR B 166 -8.41 15.29 -5.76
C TYR B 166 -6.93 15.18 -5.38
N TYR B 167 -6.20 16.23 -5.77
CA TYR B 167 -4.80 16.45 -5.42
C TYR B 167 -4.75 17.41 -4.25
N PRO B 168 -4.42 16.89 -3.05
CA PRO B 168 -4.36 17.75 -1.86
C PRO B 168 -3.25 18.77 -1.89
N GLU B 169 -2.14 18.50 -2.56
CA GLU B 169 -1.00 19.40 -2.50
C GLU B 169 -1.26 20.67 -3.29
N ARG B 170 -2.19 20.62 -4.24
CA ARG B 170 -2.62 21.78 -4.99
C ARG B 170 -4.11 22.07 -4.80
N ASN B 171 -4.81 21.27 -3.99
CA ASN B 171 -6.22 21.48 -3.68
C ASN B 171 -7.06 21.60 -4.95
N GLU B 172 -7.00 20.56 -5.79
CA GLU B 172 -7.76 20.67 -7.03
C GLU B 172 -8.20 19.30 -7.53
N TRP B 173 -9.34 19.29 -8.21
CA TRP B 173 -9.92 18.08 -8.79
C TRP B 173 -9.65 18.02 -10.28
N ARG B 174 -9.35 16.82 -10.78
CA ARG B 174 -9.21 16.58 -12.20
C ARG B 174 -9.88 15.27 -12.57
N MET B 175 -10.61 15.27 -13.68
CA MET B 175 -11.28 14.09 -14.16
C MET B 175 -10.28 13.04 -14.66
N ILE B 176 -10.60 11.77 -14.43
CA ILE B 176 -9.80 10.67 -14.97
C ILE B 176 -10.66 9.90 -15.96
N THR B 177 -10.18 8.75 -16.42
CA THR B 177 -10.95 7.90 -17.31
C THR B 177 -12.25 7.46 -16.65
N ALA B 178 -13.33 7.53 -17.41
CA ALA B 178 -14.63 7.10 -16.90
C ALA B 178 -14.70 5.58 -16.83
N MET B 179 -15.54 5.09 -15.92
CA MET B 179 -15.81 3.66 -15.86
C MET B 179 -16.51 3.19 -17.13
N ASN B 180 -16.47 1.88 -17.35
CA ASN B 180 -17.25 1.29 -18.44
C ASN B 180 -18.75 1.31 -18.15
N THR B 181 -19.13 1.30 -16.87
CA THR B 181 -20.52 1.20 -16.47
C THR B 181 -20.89 2.39 -15.60
N ILE B 182 -22.09 2.94 -15.83
CA ILE B 182 -22.62 3.97 -14.95
C ILE B 182 -23.05 3.32 -13.64
N ARG B 183 -22.63 3.91 -12.52
CA ARG B 183 -22.86 3.31 -11.21
C ARG B 183 -23.14 4.43 -10.21
N SER B 184 -24.32 4.42 -9.62
CA SER B 184 -24.60 5.16 -8.41
C SER B 184 -24.86 4.16 -7.30
N GLY B 185 -24.45 4.49 -6.08
CA GLY B 185 -24.58 3.57 -4.97
C GLY B 185 -23.78 2.29 -5.14
N ALA B 186 -22.62 2.35 -5.77
CA ALA B 186 -21.71 1.22 -5.86
C ALA B 186 -20.85 1.13 -4.59
N GLY B 187 -20.17 0.00 -4.44
CA GLY B 187 -19.14 -0.14 -3.44
C GLY B 187 -17.78 0.08 -4.07
N VAL B 188 -17.02 1.01 -3.52
CA VAL B 188 -15.74 1.43 -4.10
C VAL B 188 -14.65 1.38 -3.04
N CYS B 189 -13.55 0.70 -3.36
CA CYS B 189 -12.44 0.56 -2.43
C CYS B 189 -11.12 0.52 -3.20
N VAL B 190 -10.02 0.53 -2.45
CA VAL B 190 -8.67 0.38 -3.00
C VAL B 190 -8.10 -0.98 -2.60
N LEU B 191 -7.48 -1.67 -3.57
CA LEU B 191 -6.72 -2.89 -3.28
C LEU B 191 -5.47 -2.89 -4.16
N HIS B 192 -4.31 -3.18 -3.55
CA HIS B 192 -3.00 -3.07 -4.21
C HIS B 192 -2.85 -1.63 -4.69
N ASN B 193 -2.68 -1.38 -5.98
CA ASN B 193 -2.64 -0.03 -6.54
C ASN B 193 -3.79 0.15 -7.51
N CYS B 194 -4.94 -0.44 -7.20
CA CYS B 194 -6.09 -0.38 -8.09
C CYS B 194 -7.34 0.01 -7.32
N ILE B 195 -8.27 0.63 -8.03
CA ILE B 195 -9.55 1.05 -7.47
C ILE B 195 -10.64 0.09 -7.96
N TYR B 196 -11.36 -0.54 -7.05
CA TYR B 196 -12.44 -1.43 -7.43
C TYR B 196 -13.79 -0.75 -7.22
N ALA B 197 -14.67 -0.91 -8.21
CA ALA B 197 -16.06 -0.45 -8.15
C ALA B 197 -16.95 -1.63 -8.46
N ALA B 198 -17.79 -2.00 -7.48
CA ALA B 198 -18.61 -3.20 -7.54
C ALA B 198 -20.07 -2.81 -7.42
N GLY B 199 -20.89 -3.33 -8.34
CA GLY B 199 -22.32 -3.15 -8.31
C GLY B 199 -22.72 -1.70 -8.53
N GLY B 200 -23.81 -1.32 -7.88
CA GLY B 200 -24.41 -0.02 -8.03
C GLY B 200 -25.71 -0.09 -8.82
N TYR B 201 -26.16 1.08 -9.25
CA TYR B 201 -27.41 1.23 -9.99
C TYR B 201 -27.19 2.22 -11.12
N ASP B 202 -27.52 1.83 -12.35
CA ASP B 202 -27.25 2.65 -13.52
C ASP B 202 -28.47 3.43 -13.99
N GLY B 203 -29.50 3.53 -13.15
CA GLY B 203 -30.75 4.17 -13.54
C GLY B 203 -31.79 3.24 -14.11
N GLN B 204 -31.45 1.99 -14.38
CA GLN B 204 -32.46 1.01 -14.79
C GLN B 204 -32.35 -0.31 -14.03
N ASP B 205 -31.13 -0.80 -13.77
CA ASP B 205 -30.96 -2.09 -13.10
C ASP B 205 -29.85 -1.99 -12.07
N GLN B 206 -30.02 -2.74 -10.97
CA GLN B 206 -28.88 -3.02 -10.10
C GLN B 206 -27.89 -3.93 -10.80
N LEU B 207 -26.61 -3.74 -10.48
CA LEU B 207 -25.52 -4.38 -11.19
C LEU B 207 -24.79 -5.35 -10.27
N ASN B 208 -24.35 -6.48 -10.84
CA ASN B 208 -23.40 -7.35 -10.17
C ASN B 208 -21.99 -7.24 -10.75
N SER B 209 -21.81 -6.50 -11.84
CA SER B 209 -20.50 -6.38 -12.45
C SER B 209 -19.55 -5.64 -11.53
N VAL B 210 -18.26 -5.91 -11.70
CA VAL B 210 -17.19 -5.27 -10.94
C VAL B 210 -16.09 -4.89 -11.91
N GLU B 211 -15.57 -3.67 -11.76
CA GLU B 211 -14.44 -3.25 -12.59
C GLU B 211 -13.41 -2.55 -11.72
N ARG B 212 -12.16 -2.65 -12.13
CA ARG B 212 -11.04 -2.10 -11.39
C ARG B 212 -10.24 -1.17 -12.28
N TYR B 213 -9.80 -0.07 -11.69
CA TYR B 213 -9.03 0.97 -12.35
C TYR B 213 -7.56 0.72 -12.04
N ASP B 214 -6.77 0.57 -13.11
CA ASP B 214 -5.32 0.45 -13.04
C ASP B 214 -4.75 1.82 -13.38
N VAL B 215 -4.08 2.42 -12.40
CA VAL B 215 -3.56 3.78 -12.53
C VAL B 215 -2.47 3.86 -13.60
N ALA B 216 -1.59 2.86 -13.65
CA ALA B 216 -0.46 2.92 -14.57
C ALA B 216 -0.92 3.05 -16.02
N THR B 217 -1.89 2.24 -16.42
CA THR B 217 -2.47 2.31 -17.75
C THR B 217 -3.67 3.25 -17.83
N ALA B 218 -4.10 3.81 -16.70
CA ALA B 218 -5.32 4.61 -16.61
C ALA B 218 -6.49 3.90 -17.29
N THR B 219 -6.69 2.62 -16.94
CA THR B 219 -7.68 1.81 -17.64
C THR B 219 -8.58 1.09 -16.65
N TRP B 220 -9.89 1.08 -16.95
CA TRP B 220 -10.86 0.29 -16.21
C TRP B 220 -11.05 -1.07 -16.89
N THR B 221 -10.94 -2.14 -16.11
CA THR B 221 -11.11 -3.51 -16.60
C THR B 221 -12.17 -4.22 -15.77
N PHE B 222 -13.08 -4.92 -16.44
CA PHE B 222 -14.14 -5.66 -15.77
C PHE B 222 -13.61 -6.99 -15.25
N VAL B 223 -13.71 -7.20 -13.94
CA VAL B 223 -13.24 -8.44 -13.33
C VAL B 223 -14.40 -9.38 -13.00
N ALA B 224 -14.16 -10.27 -12.02
CA ALA B 224 -15.18 -11.23 -11.61
C ALA B 224 -16.39 -10.54 -10.97
N PRO B 225 -17.57 -10.77 -11.55
CA PRO B 225 -18.83 -10.19 -11.07
C PRO B 225 -19.33 -10.89 -9.81
N MET B 226 -20.09 -10.17 -9.00
CA MET B 226 -20.65 -10.70 -7.76
C MET B 226 -21.77 -11.71 -8.07
N LYS B 227 -22.02 -12.58 -7.09
CA LYS B 227 -23.21 -13.43 -7.11
C LYS B 227 -24.47 -12.59 -7.34
N HIS B 228 -24.67 -11.57 -6.50
CA HIS B 228 -25.95 -10.88 -6.37
C HIS B 228 -25.79 -9.39 -6.70
N ARG B 229 -26.59 -8.93 -7.66
CA ARG B 229 -26.70 -7.50 -7.91
C ARG B 229 -27.02 -6.74 -6.64
N ARG B 230 -26.40 -5.58 -6.48
CA ARG B 230 -26.61 -4.80 -5.26
C ARG B 230 -26.16 -3.37 -5.49
N SER B 231 -26.95 -2.43 -4.98
CA SER B 231 -26.60 -1.03 -4.87
C SER B 231 -26.74 -0.61 -3.41
N ALA B 232 -26.04 0.46 -3.04
CA ALA B 232 -26.01 0.94 -1.65
C ALA B 232 -25.47 -0.14 -0.72
N LEU B 233 -24.41 -0.81 -1.16
CA LEU B 233 -23.73 -1.83 -0.37
C LEU B 233 -22.59 -1.23 0.44
N GLY B 234 -22.27 -1.89 1.54
CA GLY B 234 -21.05 -1.58 2.26
C GLY B 234 -19.90 -2.39 1.69
N ILE B 235 -18.69 -1.86 1.79
CA ILE B 235 -17.54 -2.53 1.19
C ILE B 235 -16.31 -2.21 2.04
N THR B 236 -15.39 -3.16 2.08
CA THR B 236 -14.14 -2.94 2.80
C THR B 236 -13.10 -3.96 2.35
N VAL B 237 -11.85 -3.72 2.75
CA VAL B 237 -10.73 -4.61 2.48
C VAL B 237 -10.24 -5.16 3.81
N HIS B 238 -10.12 -6.48 3.91
CA HIS B 238 -9.58 -7.10 5.11
C HIS B 238 -8.57 -8.15 4.68
N GLN B 239 -7.34 -8.01 5.16
CA GLN B 239 -6.25 -8.97 4.92
C GLN B 239 -6.17 -9.36 3.45
N GLY B 240 -6.23 -8.34 2.58
CA GLY B 240 -6.07 -8.55 1.17
C GLY B 240 -7.23 -9.18 0.42
N ARG B 241 -8.44 -9.17 0.98
CA ARG B 241 -9.62 -9.59 0.23
C ARG B 241 -10.71 -8.54 0.41
N ILE B 242 -11.59 -8.43 -0.60
CA ILE B 242 -12.65 -7.44 -0.58
C ILE B 242 -13.92 -8.08 -0.05
N TYR B 243 -14.65 -7.35 0.78
CA TYR B 243 -15.93 -7.81 1.31
C TYR B 243 -17.00 -6.79 0.97
N VAL B 244 -18.12 -7.27 0.41
CA VAL B 244 -19.30 -6.45 0.18
C VAL B 244 -20.44 -6.99 1.05
N LEU B 245 -21.17 -6.07 1.66
CA LEU B 245 -22.16 -6.36 2.69
C LEU B 245 -23.48 -5.69 2.34
N GLY B 246 -24.55 -6.48 2.24
CA GLY B 246 -25.90 -5.99 2.07
C GLY B 246 -26.14 -5.27 0.75
N GLY B 247 -27.08 -4.32 0.80
CA GLY B 247 -27.52 -3.59 -0.36
C GLY B 247 -28.97 -3.89 -0.70
N TYR B 248 -29.40 -3.33 -1.84
CA TYR B 248 -30.76 -3.39 -2.33
C TYR B 248 -30.71 -3.77 -3.82
N ASP B 249 -31.59 -4.69 -4.22
CA ASP B 249 -31.57 -5.22 -5.59
C ASP B 249 -32.82 -4.84 -6.38
N GLY B 250 -33.55 -3.82 -5.96
CA GLY B 250 -34.80 -3.47 -6.58
C GLY B 250 -36.04 -4.10 -5.97
N HIS B 251 -35.88 -5.11 -5.10
CA HIS B 251 -37.02 -5.71 -4.41
C HIS B 251 -36.70 -6.02 -2.96
N THR B 252 -35.47 -6.45 -2.69
CA THR B 252 -35.10 -7.04 -1.41
C THR B 252 -33.91 -6.29 -0.79
N PHE B 253 -33.90 -6.24 0.54
CA PHE B 253 -32.74 -5.80 1.30
C PHE B 253 -31.86 -7.01 1.62
N LEU B 254 -30.62 -6.99 1.13
CA LEU B 254 -29.74 -8.15 1.18
C LEU B 254 -29.08 -8.30 2.54
N ASP B 255 -28.92 -9.54 2.99
CA ASP B 255 -28.01 -9.85 4.08
C ASP B 255 -26.75 -10.56 3.61
N SER B 256 -26.67 -10.88 2.33
CA SER B 256 -25.49 -11.52 1.75
C SER B 256 -24.23 -10.72 2.03
N VAL B 257 -23.16 -11.43 2.40
CA VAL B 257 -21.82 -10.85 2.43
C VAL B 257 -20.98 -11.68 1.49
N GLU B 258 -20.43 -11.04 0.47
CA GLU B 258 -19.58 -11.72 -0.49
C GLU B 258 -18.13 -11.27 -0.33
N CYS B 259 -17.22 -12.17 -0.66
CA CYS B 259 -15.79 -11.92 -0.50
C CYS B 259 -15.09 -12.24 -1.81
N TYR B 260 -14.22 -11.33 -2.23
CA TYR B 260 -13.46 -11.41 -3.47
C TYR B 260 -12.01 -11.66 -3.11
N ASP B 261 -11.46 -12.76 -3.66
CA ASP B 261 -10.05 -13.11 -3.57
C ASP B 261 -9.39 -12.67 -4.86
N PRO B 262 -8.49 -11.68 -4.84
CA PRO B 262 -7.93 -11.19 -6.11
C PRO B 262 -6.95 -12.15 -6.76
N ASP B 263 -6.36 -13.07 -6.00
CA ASP B 263 -5.38 -13.98 -6.59
C ASP B 263 -6.04 -15.00 -7.50
N THR B 264 -7.30 -15.36 -7.23
CA THR B 264 -8.05 -16.27 -8.08
C THR B 264 -9.17 -15.60 -8.86
N ASP B 265 -9.38 -14.29 -8.71
CA ASP B 265 -10.48 -13.58 -9.33
C ASP B 265 -11.81 -14.32 -9.15
N THR B 266 -12.14 -14.59 -7.88
CA THR B 266 -13.35 -15.32 -7.56
C THR B 266 -14.11 -14.62 -6.44
N TRP B 267 -15.44 -14.64 -6.54
CA TRP B 267 -16.33 -14.15 -5.49
C TRP B 267 -17.00 -15.33 -4.81
N SER B 268 -16.97 -15.34 -3.48
CA SER B 268 -17.67 -16.35 -2.70
C SER B 268 -18.55 -15.66 -1.67
N GLU B 269 -19.74 -16.22 -1.44
CA GLU B 269 -20.57 -15.75 -0.33
C GLU B 269 -20.05 -16.42 0.93
N VAL B 270 -19.64 -15.60 1.90
CA VAL B 270 -18.90 -16.10 3.05
C VAL B 270 -19.72 -16.08 4.33
N THR B 271 -20.69 -15.18 4.46
CA THR B 271 -21.50 -15.09 5.66
C THR B 271 -22.75 -14.26 5.34
N ARG B 272 -23.67 -14.24 6.29
CA ARG B 272 -24.85 -13.40 6.22
C ARG B 272 -24.87 -12.46 7.42
N MET B 273 -25.19 -11.20 7.17
CA MET B 273 -25.48 -10.31 8.26
C MET B 273 -26.70 -10.83 9.04
N THR B 274 -26.80 -10.41 10.30
CA THR B 274 -27.91 -10.86 11.13
C THR B 274 -29.27 -10.44 10.56
N SER B 275 -29.30 -9.41 9.71
CA SER B 275 -30.54 -8.95 9.11
C SER B 275 -30.21 -8.15 7.85
N GLY B 276 -30.98 -8.36 6.79
CA GLY B 276 -30.77 -7.62 5.56
C GLY B 276 -30.91 -6.12 5.77
N ARG B 277 -30.12 -5.35 5.02
CA ARG B 277 -30.11 -3.90 5.16
C ARG B 277 -29.31 -3.30 4.01
N SER B 278 -29.59 -2.03 3.74
CA SER B 278 -28.86 -1.26 2.73
C SER B 278 -28.31 0.02 3.35
N GLY B 279 -27.44 0.69 2.59
CA GLY B 279 -26.83 1.95 2.99
C GLY B 279 -26.09 1.96 4.31
N VAL B 280 -25.28 0.94 4.56
CA VAL B 280 -24.49 0.86 5.79
C VAL B 280 -23.16 1.59 5.61
N GLY B 281 -22.52 1.91 6.73
CA GLY B 281 -21.11 2.26 6.73
C GLY B 281 -20.30 1.07 7.20
N VAL B 282 -19.05 0.97 6.72
CA VAL B 282 -18.22 -0.20 6.98
C VAL B 282 -16.77 0.23 7.01
N ALA B 283 -16.01 -0.33 7.95
CA ALA B 283 -14.58 -0.09 8.03
C ALA B 283 -13.96 -1.20 8.86
N VAL B 284 -12.63 -1.23 8.91
CA VAL B 284 -11.90 -2.30 9.61
C VAL B 284 -11.08 -1.69 10.74
N THR B 285 -11.26 -2.21 11.95
CA THR B 285 -10.41 -1.81 13.07
C THR B 285 -10.47 -2.80 14.23
N ALA C 2 -40.72 3.91 -2.97
CA ALA C 2 -39.40 3.47 -2.56
C ALA C 2 -38.31 3.94 -3.53
N ASP C 3 -37.20 4.41 -2.97
CA ASP C 3 -36.05 4.81 -3.79
C ASP C 3 -35.56 3.63 -4.61
N GLU C 4 -35.43 3.85 -5.93
CA GLU C 4 -35.00 2.79 -6.83
C GLU C 4 -33.66 2.20 -6.42
N GLU C 5 -32.78 3.05 -5.89
CA GLU C 5 -31.38 2.73 -5.67
C GLU C 5 -31.11 2.16 -4.27
N THR C 6 -31.69 2.79 -3.25
CA THR C 6 -31.44 2.40 -1.87
C THR C 6 -32.59 1.62 -1.23
N GLY C 7 -33.78 1.65 -1.82
CA GLY C 7 -34.93 0.99 -1.24
C GLY C 7 -35.62 1.76 -0.13
N GLU C 8 -35.11 2.93 0.24
CA GLU C 8 -35.69 3.70 1.33
C GLU C 8 -37.00 4.35 0.89
N PHE C 9 -37.92 4.50 1.84
CA PHE C 9 -39.15 5.24 1.57
C PHE C 9 -38.80 6.69 1.26
N LEU C 10 -39.42 7.24 0.22
CA LEU C 10 -39.03 8.54 -0.31
C LEU C 10 -39.58 9.71 0.50
#